data_5NTK
#
_entry.id   5NTK
#
_cell.length_a   71.102
_cell.length_b   149.436
_cell.length_c   44.115
_cell.angle_alpha   90.000
_cell.angle_beta   90.000
_cell.angle_gamma   90.000
#
_symmetry.space_group_name_H-M   'P 21 21 2'
#
loop_
_entity.id
_entity.type
_entity.pdbx_description
1 polymer 'Nuclear receptor ROR-gamma'
2 non-polymer '[(3~{S},8~{S},9~{S},10~{R},13~{R},14~{S},17~{R})-10,13-dimethyl-17-[(2~{R})-5-[[4-(2-morpholin-4-ylethoxy)phenyl]methylamino]-5-oxidanylidene-pentan-2-yl]-2,3,4,7,8,9,11,12,14,15,16,17-dodecahydro-1~{H}-cyclopenta[a]phenanthren-3-yl] hydrogen sulfate'
3 water water
#
_entity_poly.entity_id   1
_entity_poly.type   'polypeptide(L)'
_entity_poly.pdbx_seq_one_letter_code
;GPYASLTEIEHLVQSVCKSYRETCQLRLEDLLRQRSNIFSREEVTGYQRKSMWEMWERCAHHLTEAIQYVVEFAKRLSGF
MELCQNDQIVLLKAGAMEVVLVRMCRAYNADNRTVFFEGKYGGMELFRALGCSELISSIFDFSHSLSALHFSEDEIALYT
ALVLINAHRPGLQEKRKVEQLQYNLELAFHHHLSKTHRQSILAKLPPKGKLRSLCSQHVERLQIFQHLHP
;
_entity_poly.pdbx_strand_id   A,B
#
loop_
_chem_comp.id
_chem_comp.type
_chem_comp.name
_chem_comp.formula
99N non-polymer '[(3~{S},8~{S},9~{S},10~{R},13~{R},14~{S},17~{R})-10,13-dimethyl-17-[(2~{R})-5-[[4-(2-morpholin-4-ylethoxy)phenyl]methylamino]-5-oxidanylidene-pentan-2-yl]-2,3,4,7,8,9,11,12,14,15,16,17-dodecahydro-1~{H}-cyclopenta[a]phenanthren-3-yl] hydrogen sulfate' 'C37 H56 N2 O7 S'
#
# COMPACT_ATOMS: atom_id res chain seq x y z
N ALA A 4 16.77 -13.19 -24.71
CA ALA A 4 17.16 -12.26 -23.62
C ALA A 4 17.73 -13.01 -22.41
N SER A 5 18.71 -12.40 -21.75
CA SER A 5 19.30 -12.98 -20.54
C SER A 5 18.59 -12.45 -19.28
N LEU A 6 18.94 -13.02 -18.13
CA LEU A 6 18.43 -12.51 -16.85
C LEU A 6 18.85 -11.06 -16.64
N THR A 7 20.08 -10.74 -17.06
CA THR A 7 20.65 -9.40 -16.93
C THR A 7 19.93 -8.38 -17.81
N GLU A 8 19.63 -8.77 -19.04
CA GLU A 8 18.88 -7.94 -19.98
C GLU A 8 17.47 -7.64 -19.46
N ILE A 9 16.79 -8.67 -18.98
CA ILE A 9 15.42 -8.52 -18.46
C ILE A 9 15.39 -7.68 -17.20
N GLU A 10 16.35 -7.92 -16.29
CA GLU A 10 16.45 -7.12 -15.07
C GLU A 10 16.75 -5.65 -15.36
N HIS A 11 17.59 -5.40 -16.36
CA HIS A 11 17.90 -4.04 -16.83
C HIS A 11 16.67 -3.36 -17.44
N LEU A 12 15.85 -4.15 -18.14
CA LEU A 12 14.63 -3.62 -18.75
C LEU A 12 13.62 -3.25 -17.68
N VAL A 13 13.47 -4.11 -16.66
CA VAL A 13 12.57 -3.81 -15.55
C VAL A 13 12.96 -2.48 -14.91
N GLN A 14 14.25 -2.30 -14.69
CA GLN A 14 14.79 -1.10 -14.06
C GLN A 14 14.55 0.14 -14.89
N SER A 15 14.79 0.05 -16.19
CA SER A 15 14.54 1.16 -17.12
C SER A 15 13.08 1.63 -17.12
N VAL A 16 12.15 0.67 -17.18
CA VAL A 16 10.72 0.99 -17.20
C VAL A 16 10.29 1.65 -15.88
N CYS A 17 10.74 1.09 -14.77
CA CYS A 17 10.36 1.60 -13.45
C CYS A 17 10.97 2.98 -13.18
N LYS A 18 12.18 3.20 -13.67
CA LYS A 18 12.82 4.51 -13.53
C LYS A 18 12.07 5.56 -14.36
N SER A 19 11.74 5.19 -15.61
CA SER A 19 11.00 6.10 -16.50
CA SER A 19 10.99 6.07 -16.52
C SER A 19 9.67 6.51 -15.90
N TYR A 20 8.95 5.54 -15.35
CA TYR A 20 7.67 5.82 -14.71
C TYR A 20 7.83 6.80 -13.55
N ARG A 21 8.84 6.56 -12.70
CA ARG A 21 9.10 7.38 -11.51
C ARG A 21 9.37 8.83 -11.91
N GLU A 22 10.14 9.00 -12.98
CA GLU A 22 10.57 10.33 -13.42
C GLU A 22 9.48 11.08 -14.17
N THR A 23 8.40 10.38 -14.54
CA THR A 23 7.35 10.99 -15.40
C THR A 23 5.96 11.02 -14.77
N CYS A 24 5.90 10.86 -13.45
CA CYS A 24 4.69 11.10 -12.69
C CYS A 24 4.65 12.55 -12.29
N GLN A 25 3.51 13.20 -12.55
CA GLN A 25 3.31 14.59 -12.21
C GLN A 25 3.28 14.77 -10.70
N LEU A 26 2.58 13.86 -10.02
CA LEU A 26 2.37 13.93 -8.58
C LEU A 26 2.98 12.71 -7.89
N ARG A 27 3.54 12.91 -6.70
CA ARG A 27 4.08 11.80 -5.93
C ARG A 27 2.98 11.09 -5.17
N LEU A 28 3.04 9.75 -5.15
CA LEU A 28 2.03 8.94 -4.49
C LEU A 28 1.84 9.33 -3.02
N GLU A 29 2.95 9.52 -2.31
CA GLU A 29 2.93 9.91 -0.89
C GLU A 29 2.13 11.20 -0.62
N ASP A 30 2.28 12.18 -1.51
CA ASP A 30 1.51 13.43 -1.46
C ASP A 30 0.02 13.20 -1.74
N LEU A 31 -0.27 12.42 -2.79
CA LEU A 31 -1.64 12.04 -3.11
C LEU A 31 -2.36 11.37 -1.93
N LEU A 32 -1.67 10.48 -1.25
CA LEU A 32 -2.25 9.75 -0.11
C LEU A 32 -2.52 10.64 1.09
N ARG A 33 -1.58 11.54 1.37
CA ARG A 33 -1.70 12.49 2.46
C ARG A 33 -2.86 13.46 2.26
N GLN A 34 -3.15 13.76 1.00
CA GLN A 34 -4.16 14.78 0.63
C GLN A 34 -5.59 14.25 0.60
N ARG A 35 -5.76 12.94 0.83
CA ARG A 35 -7.07 12.29 0.70
C ARG A 35 -8.22 12.95 1.48
N SER A 36 -7.93 13.52 2.65
CA SER A 36 -8.97 14.21 3.42
C SER A 36 -9.32 15.59 2.88
N ASN A 37 -8.46 16.14 2.01
CA ASN A 37 -8.71 17.45 1.39
C ASN A 37 -9.69 17.33 0.21
N ILE A 38 -10.97 17.39 0.55
CA ILE A 38 -12.05 17.18 -0.39
C ILE A 38 -12.73 18.53 -0.70
N PHE A 39 -13.08 18.74 -1.96
CA PHE A 39 -13.86 19.92 -2.36
C PHE A 39 -15.13 20.00 -1.52
N SER A 40 -15.43 21.21 -1.03
CA SER A 40 -16.68 21.46 -0.31
C SER A 40 -17.87 21.42 -1.28
N ARG A 41 -19.08 21.42 -0.72
CA ARG A 41 -20.29 21.46 -1.55
C ARG A 41 -20.33 22.74 -2.37
N GLU A 42 -19.85 23.85 -1.79
CA GLU A 42 -19.76 25.13 -2.50
C GLU A 42 -18.87 25.05 -3.74
N GLU A 43 -17.73 24.37 -3.60
CA GLU A 43 -16.80 24.23 -4.71
C GLU A 43 -17.28 23.29 -5.81
N VAL A 44 -17.86 22.15 -5.42
CA VAL A 44 -18.49 21.22 -6.37
C VAL A 44 -19.53 21.97 -7.20
N THR A 45 -20.34 22.79 -6.52
CA THR A 45 -21.29 23.70 -7.15
C THR A 45 -20.63 24.58 -8.23
N GLY A 46 -19.55 25.25 -7.86
CA GLY A 46 -18.80 26.11 -8.78
C GLY A 46 -18.35 25.44 -10.06
N TYR A 47 -17.92 24.18 -9.95
CA TYR A 47 -17.54 23.40 -11.11
C TYR A 47 -18.74 23.05 -11.97
N GLN A 48 -19.83 22.66 -11.33
CA GLN A 48 -21.07 22.37 -12.03
C GLN A 48 -21.67 23.62 -12.68
N ARG A 49 -21.39 24.79 -12.09
CA ARG A 49 -21.87 26.08 -12.61
C ARG A 49 -21.19 26.51 -13.91
N LYS A 50 -20.01 25.96 -14.19
CA LYS A 50 -19.25 26.31 -15.40
C LYS A 50 -19.96 25.82 -16.65
N SER A 51 -19.76 26.52 -17.77
CA SER A 51 -20.31 26.07 -19.04
C SER A 51 -19.57 24.82 -19.51
N MET A 52 -20.19 24.10 -20.44
CA MET A 52 -19.56 22.94 -21.05
C MET A 52 -18.19 23.30 -21.59
N TRP A 53 -18.12 24.41 -22.32
CA TRP A 53 -16.86 24.89 -22.88
C TRP A 53 -15.83 25.20 -21.79
N GLU A 54 -16.26 25.90 -20.73
CA GLU A 54 -15.36 26.29 -19.65
C GLU A 54 -14.75 25.08 -18.98
N MET A 55 -15.58 24.08 -18.72
CA MET A 55 -15.09 22.85 -18.08
C MET A 55 -14.18 22.08 -19.02
N TRP A 56 -14.54 21.98 -20.29
CA TRP A 56 -13.71 21.29 -21.28
C TRP A 56 -12.35 21.97 -21.51
N GLU A 57 -12.33 23.31 -21.48
CA GLU A 57 -11.07 24.04 -21.61
C GLU A 57 -10.10 23.66 -20.48
N ARG A 58 -10.60 23.62 -19.24
CA ARG A 58 -9.78 23.26 -18.08
C ARG A 58 -9.31 21.82 -18.17
N CYS A 59 -10.25 20.91 -18.41
CA CYS A 59 -9.96 19.47 -18.46
C CYS A 59 -9.05 19.13 -19.64
N ALA A 60 -9.32 19.72 -20.80
CA ALA A 60 -8.46 19.53 -21.97
C ALA A 60 -7.01 19.91 -21.70
N HIS A 61 -6.79 21.02 -21.00
CA HIS A 61 -5.43 21.45 -20.65
C HIS A 61 -4.77 20.41 -19.74
N HIS A 62 -5.49 19.97 -18.71
CA HIS A 62 -4.93 18.97 -17.76
C HIS A 62 -4.60 17.66 -18.45
N LEU A 63 -5.49 17.23 -19.34
CA LEU A 63 -5.26 16.02 -20.14
C LEU A 63 -4.08 16.17 -21.08
N THR A 64 -3.94 17.34 -21.70
CA THR A 64 -2.78 17.61 -22.57
C THR A 64 -1.47 17.43 -21.81
N GLU A 65 -1.39 18.02 -20.62
CA GLU A 65 -0.23 17.89 -19.75
C GLU A 65 0.02 16.42 -19.39
N ALA A 66 -1.04 15.71 -19.00
CA ALA A 66 -0.94 14.29 -18.65
C ALA A 66 -0.41 13.47 -19.81
N ILE A 67 -0.92 13.74 -21.01
CA ILE A 67 -0.45 13.08 -22.22
C ILE A 67 1.03 13.38 -22.47
N GLN A 68 1.45 14.63 -22.26
CA GLN A 68 2.84 15.02 -22.44
C GLN A 68 3.79 14.27 -21.50
N TYR A 69 3.33 14.00 -20.27
CA TYR A 69 4.09 13.15 -19.35
C TYR A 69 4.17 11.71 -19.85
N VAL A 70 3.11 11.22 -20.48
CA VAL A 70 3.10 9.87 -21.05
C VAL A 70 4.09 9.77 -22.21
N VAL A 71 4.15 10.82 -23.03
CA VAL A 71 5.11 10.90 -24.12
C VAL A 71 6.54 10.81 -23.57
N GLU A 72 6.83 11.55 -22.50
CA GLU A 72 8.15 11.49 -21.86
C GLU A 72 8.44 10.08 -21.30
N PHE A 73 7.42 9.46 -20.73
CA PHE A 73 7.51 8.06 -20.29
C PHE A 73 7.96 7.15 -21.44
N ALA A 74 7.27 7.25 -22.57
CA ALA A 74 7.59 6.47 -23.77
C ALA A 74 9.02 6.72 -24.24
N LYS A 75 9.42 7.99 -24.33
CA LYS A 75 10.76 8.36 -24.79
C LYS A 75 11.88 7.72 -23.96
N ARG A 76 11.65 7.59 -22.66
CA ARG A 76 12.65 7.03 -21.75
C ARG A 76 12.55 5.50 -21.63
N LEU A 77 11.56 4.89 -22.29
CA LEU A 77 11.41 3.43 -22.29
C LEU A 77 12.41 2.79 -23.22
N SER A 78 13.31 1.98 -22.66
CA SER A 78 14.33 1.28 -23.46
C SER A 78 13.71 0.56 -24.66
N GLY A 79 14.10 0.98 -25.87
CA GLY A 79 13.58 0.38 -27.10
C GLY A 79 12.58 1.22 -27.90
N PHE A 80 11.90 2.14 -27.23
CA PHE A 80 10.86 2.93 -27.90
C PHE A 80 11.45 3.88 -28.94
N MET A 81 12.49 4.62 -28.58
CA MET A 81 13.12 5.58 -29.52
C MET A 81 13.80 4.90 -30.71
N GLU A 82 13.95 3.58 -30.65
CA GLU A 82 14.52 2.81 -31.75
C GLU A 82 13.48 2.42 -32.79
N LEU A 83 12.19 2.50 -32.42
CA LEU A 83 11.10 2.30 -33.37
C LEU A 83 11.03 3.51 -34.31
N CYS A 84 10.52 3.29 -35.52
CA CYS A 84 10.43 4.38 -36.49
C CYS A 84 9.47 5.47 -36.02
N GLN A 85 9.57 6.65 -36.62
CA GLN A 85 8.77 7.81 -36.18
C GLN A 85 7.27 7.55 -36.33
N ASN A 86 6.88 6.98 -37.47
CA ASN A 86 5.48 6.60 -37.72
C ASN A 86 4.91 5.74 -36.60
N ASP A 87 5.67 4.72 -36.18
CA ASP A 87 5.20 3.76 -35.19
C ASP A 87 5.16 4.35 -33.79
N GLN A 88 6.14 5.18 -33.47
CA GLN A 88 6.13 5.94 -32.20
C GLN A 88 4.82 6.72 -32.06
N ILE A 89 4.46 7.42 -33.13
CA ILE A 89 3.27 8.27 -33.17
C ILE A 89 2.00 7.42 -33.13
N VAL A 90 1.97 6.34 -33.92
CA VAL A 90 0.81 5.44 -33.92
C VAL A 90 0.53 4.91 -32.51
N LEU A 91 1.58 4.48 -31.83
CA LEU A 91 1.46 3.91 -30.48
C LEU A 91 0.98 4.94 -29.46
N LEU A 92 1.56 6.14 -29.51
CA LEU A 92 1.15 7.23 -28.63
C LEU A 92 -0.28 7.69 -28.87
N LYS A 93 -0.66 7.85 -30.14
CA LYS A 93 -2.03 8.22 -30.50
C LYS A 93 -3.05 7.22 -29.94
N ALA A 94 -2.77 5.93 -30.11
CA ALA A 94 -3.69 4.87 -29.69
C ALA A 94 -3.70 4.60 -28.17
N GLY A 95 -2.58 4.89 -27.49
CA GLY A 95 -2.40 4.42 -26.11
C GLY A 95 -2.16 5.45 -25.01
N ALA A 96 -1.87 6.70 -25.37
CA ALA A 96 -1.53 7.72 -24.35
C ALA A 96 -2.68 7.93 -23.37
N MET A 97 -3.89 8.09 -23.89
CA MET A 97 -5.06 8.28 -23.04
C MET A 97 -5.34 7.05 -22.19
N GLU A 98 -5.16 5.86 -22.76
CA GLU A 98 -5.31 4.63 -22.00
C GLU A 98 -4.36 4.61 -20.81
N VAL A 99 -3.13 5.05 -21.03
CA VAL A 99 -2.12 5.15 -19.96
C VAL A 99 -2.55 6.14 -18.88
N VAL A 100 -3.06 7.30 -19.31
CA VAL A 100 -3.59 8.29 -18.35
C VAL A 100 -4.70 7.68 -17.48
N LEU A 101 -5.60 6.92 -18.09
CA LEU A 101 -6.70 6.27 -17.34
C LEU A 101 -6.21 5.23 -16.33
N VAL A 102 -5.12 4.54 -16.66
CA VAL A 102 -4.52 3.62 -15.68
C VAL A 102 -3.84 4.44 -14.58
N ARG A 103 -3.02 5.42 -14.98
CA ARG A 103 -2.35 6.31 -14.04
C ARG A 103 -3.30 6.97 -13.03
N MET A 104 -4.53 7.23 -13.46
CA MET A 104 -5.58 7.80 -12.61
C MET A 104 -5.78 7.09 -11.27
N CYS A 105 -5.59 5.77 -11.22
CA CYS A 105 -5.83 5.04 -9.97
C CYS A 105 -4.90 5.49 -8.85
N ARG A 106 -3.77 6.08 -9.21
CA ARG A 106 -2.85 6.67 -8.21
C ARG A 106 -3.48 7.88 -7.54
N ALA A 107 -4.30 8.59 -8.30
CA ALA A 107 -4.94 9.83 -7.84
C ALA A 107 -6.39 9.58 -7.43
N TYR A 108 -6.77 8.30 -7.38
CA TYR A 108 -8.13 7.89 -7.03
C TYR A 108 -8.22 7.37 -5.60
N ASN A 109 -9.27 7.77 -4.88
CA ASN A 109 -9.52 7.26 -3.54
C ASN A 109 -10.76 6.37 -3.54
N ALA A 110 -10.55 5.06 -3.45
CA ALA A 110 -11.64 4.09 -3.45
C ALA A 110 -12.62 4.26 -2.27
N ASP A 111 -12.12 4.79 -1.15
CA ASP A 111 -12.93 4.95 0.08
C ASP A 111 -14.16 5.84 -0.13
N ASN A 112 -14.00 6.87 -0.95
CA ASN A 112 -15.09 7.82 -1.20
C ASN A 112 -15.33 8.12 -2.67
N ARG A 113 -14.69 7.34 -3.55
CA ARG A 113 -14.85 7.47 -5.01
C ARG A 113 -14.54 8.89 -5.53
N THR A 114 -13.40 9.43 -5.10
CA THR A 114 -12.95 10.74 -5.55
C THR A 114 -11.61 10.67 -6.29
N VAL A 115 -11.36 11.67 -7.12
CA VAL A 115 -10.12 11.81 -7.86
C VAL A 115 -9.48 13.16 -7.50
N PHE A 116 -8.14 13.19 -7.42
CA PHE A 116 -7.41 14.43 -7.17
C PHE A 116 -7.44 15.27 -8.45
N PHE A 117 -8.03 16.45 -8.36
CA PHE A 117 -8.26 17.32 -9.51
C PHE A 117 -8.15 18.77 -9.07
N GLU A 118 -7.23 19.51 -9.71
CA GLU A 118 -6.97 20.92 -9.38
C GLU A 118 -6.78 21.14 -7.87
N GLY A 119 -5.98 20.29 -7.25
CA GLY A 119 -5.54 20.50 -5.87
C GLY A 119 -6.37 19.90 -4.73
N LYS A 120 -7.53 19.33 -5.05
CA LYS A 120 -8.36 18.64 -4.05
C LYS A 120 -9.03 17.40 -4.64
N TYR A 121 -9.62 16.58 -3.76
CA TYR A 121 -10.36 15.39 -4.17
C TYR A 121 -11.83 15.69 -4.40
N GLY A 122 -12.36 15.21 -5.52
CA GLY A 122 -13.78 15.35 -5.82
C GLY A 122 -14.33 14.13 -6.54
N GLY A 123 -15.64 13.91 -6.37
CA GLY A 123 -16.32 12.80 -7.01
C GLY A 123 -16.63 13.09 -8.46
N MET A 124 -17.22 12.12 -9.15
CA MET A 124 -17.51 12.26 -10.57
C MET A 124 -18.50 13.40 -10.87
N GLU A 125 -19.23 13.84 -9.85
CA GLU A 125 -20.17 14.95 -10.00
C GLU A 125 -19.48 16.31 -10.23
N LEU A 126 -18.18 16.39 -9.97
CA LEU A 126 -17.37 17.55 -10.32
C LEU A 126 -17.42 17.87 -11.81
N PHE A 127 -17.58 16.82 -12.61
CA PHE A 127 -17.43 16.89 -14.08
C PHE A 127 -18.74 16.97 -14.85
N ARG A 128 -19.81 17.28 -14.13
CA ARG A 128 -21.17 17.35 -14.66
C ARG A 128 -21.31 18.23 -15.91
N ALA A 129 -20.67 19.39 -15.89
CA ALA A 129 -20.77 20.35 -16.99
C ALA A 129 -20.26 19.79 -18.32
N LEU A 130 -19.43 18.76 -18.27
CA LEU A 130 -18.91 18.13 -19.50
C LEU A 130 -19.98 17.34 -20.27
N GLY A 131 -21.04 16.92 -19.58
CA GLY A 131 -21.98 15.95 -20.14
C GLY A 131 -21.34 14.57 -20.09
N CYS A 132 -21.73 13.70 -21.01
CA CYS A 132 -21.22 12.31 -21.06
C CYS A 132 -21.06 11.69 -19.66
N SER A 133 -22.11 11.84 -18.83
CA SER A 133 -22.11 11.35 -17.45
C SER A 133 -21.89 9.84 -17.31
N GLU A 134 -22.41 9.07 -18.27
CA GLU A 134 -22.22 7.62 -18.26
C GLU A 134 -20.74 7.26 -18.43
N LEU A 135 -20.08 7.94 -19.36
CA LEU A 135 -18.65 7.71 -19.61
C LEU A 135 -17.79 8.03 -18.38
N ILE A 136 -18.03 9.18 -17.78
CA ILE A 136 -17.29 9.58 -16.58
C ILE A 136 -17.51 8.59 -15.43
N SER A 137 -18.75 8.11 -15.30
CA SER A 137 -19.06 7.05 -14.34
C SER A 137 -18.26 5.77 -14.63
N SER A 138 -18.19 5.40 -15.91
CA SER A 138 -17.48 4.22 -16.33
C SER A 138 -15.98 4.35 -16.05
N ILE A 139 -15.45 5.56 -16.22
CA ILE A 139 -14.06 5.87 -15.92
C ILE A 139 -13.79 5.75 -14.41
N PHE A 140 -14.70 6.27 -13.60
CA PHE A 140 -14.57 6.12 -12.15
C PHE A 140 -14.67 4.65 -11.69
N ASP A 141 -15.60 3.91 -12.29
CA ASP A 141 -15.73 2.46 -12.04
C ASP A 141 -14.46 1.71 -12.38
N PHE A 142 -13.81 2.10 -13.47
CA PHE A 142 -12.55 1.51 -13.90
C PHE A 142 -11.43 1.69 -12.88
N SER A 143 -11.25 2.92 -12.39
CA SER A 143 -10.27 3.17 -11.32
C SER A 143 -10.61 2.41 -10.04
N HIS A 144 -11.90 2.27 -9.75
CA HIS A 144 -12.34 1.52 -8.59
C HIS A 144 -11.91 0.05 -8.69
N SER A 145 -12.08 -0.54 -9.87
CA SER A 145 -11.68 -1.93 -10.10
CA SER A 145 -11.68 -1.92 -10.11
C SER A 145 -10.17 -2.10 -10.01
N LEU A 146 -9.42 -1.12 -10.54
CA LEU A 146 -7.96 -1.15 -10.48
C LEU A 146 -7.47 -1.01 -9.04
N SER A 147 -8.19 -0.23 -8.24
CA SER A 147 -7.81 0.01 -6.85
C SER A 147 -7.82 -1.26 -6.01
N ALA A 148 -8.71 -2.20 -6.36
CA ALA A 148 -8.81 -3.47 -5.64
C ALA A 148 -7.54 -4.32 -5.78
N LEU A 149 -6.73 -4.04 -6.80
CA LEU A 149 -5.50 -4.81 -7.05
C LEU A 149 -4.34 -4.37 -6.17
N HIS A 150 -4.43 -3.17 -5.59
CA HIS A 150 -3.38 -2.56 -4.77
C HIS A 150 -2.03 -2.58 -5.49
N PHE A 151 -1.99 -2.01 -6.71
CA PHE A 151 -0.75 -1.93 -7.48
C PHE A 151 0.35 -1.19 -6.75
N SER A 152 1.57 -1.73 -6.81
CA SER A 152 2.75 -0.98 -6.49
C SER A 152 3.08 -0.10 -7.70
N GLU A 153 3.98 0.86 -7.51
CA GLU A 153 4.37 1.72 -8.63
C GLU A 153 5.15 0.98 -9.72
N ASP A 154 5.98 0.02 -9.35
CA ASP A 154 6.70 -0.80 -10.33
C ASP A 154 5.71 -1.61 -11.19
N GLU A 155 4.66 -2.14 -10.57
CA GLU A 155 3.60 -2.84 -11.31
C GLU A 155 2.88 -1.94 -12.30
N ILE A 156 2.51 -0.73 -11.85
CA ILE A 156 1.85 0.23 -12.74
C ILE A 156 2.78 0.60 -13.90
N ALA A 157 4.07 0.76 -13.59
CA ALA A 157 5.08 1.09 -14.59
C ALA A 157 5.13 0.03 -15.70
N LEU A 158 5.24 -1.23 -15.29
CA LEU A 158 5.34 -2.35 -16.23
C LEU A 158 4.05 -2.58 -16.99
N TYR A 159 2.92 -2.46 -16.30
CA TYR A 159 1.61 -2.61 -16.90
C TYR A 159 1.35 -1.51 -17.94
N THR A 160 1.62 -0.26 -17.58
CA THR A 160 1.44 0.84 -18.54
C THR A 160 2.38 0.78 -19.76
N ALA A 161 3.60 0.28 -19.58
CA ALA A 161 4.49 0.04 -20.72
C ALA A 161 3.84 -0.89 -21.75
N LEU A 162 3.19 -1.96 -21.26
CA LEU A 162 2.47 -2.90 -22.12
C LEU A 162 1.20 -2.34 -22.75
N VAL A 163 0.48 -1.48 -22.02
CA VAL A 163 -0.64 -0.75 -22.60
C VAL A 163 -0.17 0.01 -23.85
N LEU A 164 0.97 0.68 -23.72
CA LEU A 164 1.52 1.50 -24.79
C LEU A 164 2.11 0.68 -25.94
N ILE A 165 2.94 -0.30 -25.61
CA ILE A 165 3.65 -1.10 -26.63
C ILE A 165 2.78 -2.29 -27.04
N ASN A 166 1.83 -2.00 -27.91
CA ASN A 166 0.81 -2.94 -28.36
C ASN A 166 1.02 -3.15 -29.87
N ALA A 167 1.44 -4.37 -30.24
CA ALA A 167 1.82 -4.65 -31.62
C ALA A 167 0.63 -4.82 -32.57
N HIS A 168 -0.58 -4.63 -32.05
CA HIS A 168 -1.82 -4.85 -32.81
C HIS A 168 -2.55 -3.55 -33.13
N ARG A 169 -1.92 -2.42 -32.85
CA ARG A 169 -2.47 -1.12 -33.21
C ARG A 169 -2.49 -0.99 -34.73
N PRO A 170 -3.68 -0.74 -35.32
CA PRO A 170 -3.75 -0.53 -36.76
C PRO A 170 -2.91 0.67 -37.18
N GLY A 171 -2.17 0.51 -38.27
CA GLY A 171 -1.34 1.58 -38.80
C GLY A 171 0.16 1.44 -38.55
N LEU A 172 0.56 0.41 -37.80
CA LEU A 172 1.98 0.16 -37.55
C LEU A 172 2.66 -0.34 -38.82
N GLN A 173 3.90 0.09 -39.02
CA GLN A 173 4.66 -0.21 -40.23
C GLN A 173 5.89 -1.08 -39.97
N GLU A 174 6.20 -1.34 -38.70
CA GLU A 174 7.23 -2.31 -38.35
C GLU A 174 6.65 -3.21 -37.26
N LYS A 175 5.71 -4.05 -37.68
CA LYS A 175 4.87 -4.83 -36.79
C LYS A 175 5.65 -5.82 -35.92
N ARG A 176 6.61 -6.52 -36.52
CA ARG A 176 7.39 -7.53 -35.81
C ARG A 176 8.41 -6.89 -34.84
N LYS A 177 8.95 -5.72 -35.21
CA LYS A 177 9.82 -4.97 -34.32
C LYS A 177 9.08 -4.56 -33.03
N VAL A 178 7.84 -4.08 -33.20
CA VAL A 178 6.98 -3.73 -32.07
C VAL A 178 6.60 -5.00 -31.30
N GLU A 179 6.34 -6.08 -32.03
CA GLU A 179 6.08 -7.39 -31.42
C GLU A 179 7.20 -7.84 -30.51
N GLN A 180 8.44 -7.65 -30.96
CA GLN A 180 9.62 -7.99 -30.17
C GLN A 180 9.76 -7.16 -28.89
N LEU A 181 9.52 -5.85 -29.00
CA LEU A 181 9.58 -4.99 -27.81
C LEU A 181 8.47 -5.33 -26.82
N GLN A 182 7.27 -5.53 -27.35
CA GLN A 182 6.12 -5.97 -26.56
C GLN A 182 6.45 -7.26 -25.82
N TYR A 183 7.09 -8.20 -26.51
CA TYR A 183 7.41 -9.48 -25.91
C TYR A 183 8.44 -9.35 -24.78
N ASN A 184 9.48 -8.55 -25.01
CA ASN A 184 10.47 -8.28 -23.96
C ASN A 184 9.83 -7.62 -22.74
N LEU A 185 8.84 -6.77 -22.97
CA LEU A 185 8.08 -6.16 -21.88
C LEU A 185 7.15 -7.14 -21.18
N GLU A 186 6.63 -8.11 -21.94
CA GLU A 186 5.84 -9.21 -21.36
C GLU A 186 6.73 -10.04 -20.44
N LEU A 187 7.93 -10.40 -20.92
CA LEU A 187 8.94 -11.10 -20.10
C LEU A 187 9.27 -10.35 -18.83
N ALA A 188 9.49 -9.04 -18.96
CA ALA A 188 9.84 -8.19 -17.84
C ALA A 188 8.72 -8.14 -16.78
N PHE A 189 7.49 -7.91 -17.23
CA PHE A 189 6.31 -7.88 -16.35
C PHE A 189 6.10 -9.22 -15.63
N HIS A 190 6.07 -10.31 -16.39
CA HIS A 190 5.90 -11.66 -15.83
C HIS A 190 7.01 -12.02 -14.84
N HIS A 191 8.25 -11.67 -15.20
CA HIS A 191 9.39 -11.84 -14.31
C HIS A 191 9.19 -11.12 -12.98
N HIS A 192 8.89 -9.82 -13.06
CA HIS A 192 8.72 -9.02 -11.85
C HIS A 192 7.63 -9.59 -10.94
N LEU A 193 6.50 -9.97 -11.55
CA LEU A 193 5.39 -10.58 -10.80
C LEU A 193 5.75 -11.93 -10.15
N SER A 194 6.50 -12.78 -10.85
CA SER A 194 6.90 -14.07 -10.29
CA SER A 194 6.93 -14.08 -10.31
C SER A 194 7.82 -13.89 -9.08
N LYS A 195 8.80 -12.99 -9.19
CA LYS A 195 9.75 -12.73 -8.12
C LYS A 195 9.14 -12.13 -6.85
N THR A 196 8.04 -11.39 -7.03
CA THR A 196 7.31 -10.75 -5.94
C THR A 196 6.01 -11.49 -5.59
N HIS A 197 5.86 -12.68 -6.16
CA HIS A 197 4.72 -13.57 -5.91
C HIS A 197 3.37 -12.91 -6.18
N ARG A 198 3.30 -12.13 -7.26
CA ARG A 198 2.09 -11.37 -7.57
C ARG A 198 1.46 -11.76 -8.92
N GLN A 199 1.74 -12.99 -9.37
CA GLN A 199 1.23 -13.49 -10.65
C GLN A 199 -0.30 -13.46 -10.74
N SER A 200 -0.95 -13.49 -9.59
CA SER A 200 -2.42 -13.51 -9.51
C SER A 200 -3.08 -12.29 -10.15
N ILE A 201 -2.36 -11.17 -10.25
CA ILE A 201 -2.95 -9.97 -10.84
C ILE A 201 -3.14 -10.08 -12.36
N LEU A 202 -2.36 -10.94 -13.00
CA LEU A 202 -2.49 -11.16 -14.45
C LEU A 202 -3.92 -11.48 -14.90
N ALA A 203 -4.60 -12.33 -14.14
CA ALA A 203 -5.98 -12.74 -14.47
C ALA A 203 -7.00 -11.65 -14.14
N LYS A 204 -6.58 -10.67 -13.36
CA LYS A 204 -7.48 -9.63 -12.84
C LYS A 204 -7.36 -8.29 -13.57
N LEU A 205 -6.36 -8.16 -14.45
CA LEU A 205 -6.17 -6.94 -15.23
C LEU A 205 -7.31 -6.76 -16.24
N PRO A 206 -7.86 -5.54 -16.34
CA PRO A 206 -8.91 -5.27 -17.32
C PRO A 206 -8.42 -5.50 -18.76
N PRO A 207 -9.29 -6.05 -19.63
CA PRO A 207 -8.90 -6.33 -21.01
C PRO A 207 -8.63 -5.05 -21.82
N LYS A 208 -7.82 -5.17 -22.87
CA LYS A 208 -7.52 -4.07 -23.80
C LYS A 208 -8.77 -3.34 -24.28
N GLY A 209 -9.80 -4.10 -24.64
CA GLY A 209 -11.06 -3.55 -25.14
C GLY A 209 -11.74 -2.63 -24.15
N LYS A 210 -11.65 -2.96 -22.87
CA LYS A 210 -12.21 -2.15 -21.79
C LYS A 210 -11.57 -0.75 -21.76
N LEU A 211 -10.24 -0.69 -21.79
CA LEU A 211 -9.52 0.59 -21.80
C LEU A 211 -9.90 1.48 -22.98
N ARG A 212 -9.96 0.88 -24.17
CA ARG A 212 -10.29 1.61 -25.40
C ARG A 212 -11.67 2.25 -25.37
N SER A 213 -12.66 1.52 -24.81
CA SER A 213 -14.03 2.01 -24.70
C SER A 213 -14.16 3.24 -23.80
N LEU A 214 -13.16 3.47 -22.96
CA LEU A 214 -13.19 4.61 -22.03
C LEU A 214 -12.58 5.88 -22.63
N CYS A 215 -12.03 5.77 -23.84
CA CYS A 215 -11.36 6.91 -24.48
C CYS A 215 -12.33 7.69 -25.37
N SER A 216 -12.61 8.92 -24.96
CA SER A 216 -13.55 9.78 -25.68
C SER A 216 -13.02 10.23 -27.03
N GLN A 217 -13.93 10.39 -27.98
CA GLN A 217 -13.66 10.95 -29.30
C GLN A 217 -13.09 12.36 -29.15
N HIS A 218 -13.62 13.10 -28.18
CA HIS A 218 -13.22 14.48 -27.93
C HIS A 218 -11.77 14.59 -27.46
N VAL A 219 -11.30 13.58 -26.72
CA VAL A 219 -9.89 13.51 -26.34
C VAL A 219 -9.01 13.27 -27.57
N GLU A 220 -9.42 12.33 -28.42
CA GLU A 220 -8.65 11.97 -29.61
C GLU A 220 -8.53 13.13 -30.61
N ARG A 221 -9.47 14.07 -30.56
CA ARG A 221 -9.45 15.25 -31.43
C ARG A 221 -8.64 16.44 -30.89
N LEU A 222 -8.09 16.29 -29.68
CA LEU A 222 -7.24 17.34 -29.11
C LEU A 222 -5.96 17.53 -29.92
N GLN A 223 -5.53 18.80 -30.03
CA GLN A 223 -4.40 19.17 -30.88
C GLN A 223 -3.09 18.51 -30.46
N ILE A 224 -3.02 18.10 -29.18
CA ILE A 224 -1.83 17.42 -28.68
C ILE A 224 -1.44 16.24 -29.58
N PHE A 225 -2.42 15.52 -30.10
CA PHE A 225 -2.14 14.36 -30.93
C PHE A 225 -1.54 14.71 -32.31
N GLN A 226 -1.59 15.98 -32.68
CA GLN A 226 -0.90 16.50 -33.87
C GLN A 226 0.46 17.09 -33.56
N HIS A 227 0.81 17.16 -32.28
CA HIS A 227 2.05 17.81 -31.85
C HIS A 227 2.75 16.99 -30.76
N LEU A 228 2.88 15.69 -30.99
CA LEU A 228 3.59 14.80 -30.05
C LEU A 228 5.11 14.95 -30.21
N ALA B 4 -19.71 -18.77 28.08
CA ALA B 4 -19.93 -18.14 26.74
C ALA B 4 -20.45 -19.14 25.73
N SER B 5 -21.48 -18.74 24.97
CA SER B 5 -22.09 -19.59 23.96
C SER B 5 -21.31 -19.55 22.64
N LEU B 6 -21.63 -20.46 21.72
CA LEU B 6 -21.00 -20.52 20.41
C LEU B 6 -21.16 -19.22 19.63
N THR B 7 -22.38 -18.66 19.65
CA THR B 7 -22.66 -17.39 19.00
C THR B 7 -21.87 -16.24 19.63
N GLU B 8 -21.70 -16.28 20.95
CA GLU B 8 -20.94 -15.24 21.67
C GLU B 8 -19.44 -15.28 21.38
N ILE B 9 -18.90 -16.49 21.21
CA ILE B 9 -17.50 -16.66 20.83
C ILE B 9 -17.29 -16.31 19.36
N GLU B 10 -18.28 -16.59 18.52
CA GLU B 10 -18.27 -16.15 17.12
C GLU B 10 -18.37 -14.64 17.01
N HIS B 11 -19.18 -14.04 17.88
CA HIS B 11 -19.31 -12.58 17.92
C HIS B 11 -18.06 -11.91 18.51
N LEU B 12 -17.37 -12.61 19.42
CA LEU B 12 -16.12 -12.10 19.99
C LEU B 12 -15.03 -12.02 18.93
N VAL B 13 -14.97 -13.03 18.05
CA VAL B 13 -13.99 -13.08 16.96
C VAL B 13 -14.18 -11.87 16.03
N GLN B 14 -15.42 -11.63 15.63
CA GLN B 14 -15.78 -10.51 14.76
C GLN B 14 -15.42 -9.16 15.38
N SER B 15 -15.67 -9.02 16.68
CA SER B 15 -15.39 -7.78 17.41
C SER B 15 -13.89 -7.46 17.49
N VAL B 16 -13.08 -8.47 17.77
CA VAL B 16 -11.63 -8.28 17.91
C VAL B 16 -11.00 -7.90 16.58
N CYS B 17 -11.43 -8.56 15.50
CA CYS B 17 -10.91 -8.27 14.17
CA CYS B 17 -10.93 -8.26 14.15
C CYS B 17 -11.26 -6.83 13.74
N LYS B 18 -12.46 -6.39 14.11
CA LYS B 18 -12.89 -5.02 13.82
C LYS B 18 -12.03 -4.01 14.60
N SER B 19 -11.83 -4.28 15.89
CA SER B 19 -11.04 -3.41 16.76
C SER B 19 -9.62 -3.23 16.23
N TYR B 20 -9.04 -4.34 15.77
CA TYR B 20 -7.70 -4.35 15.21
C TYR B 20 -7.59 -3.46 13.97
N ARG B 21 -8.48 -3.68 13.00
CA ARG B 21 -8.48 -2.94 11.74
C ARG B 21 -8.66 -1.43 11.94
N GLU B 22 -9.35 -1.05 13.01
CA GLU B 22 -9.63 0.36 13.28
C GLU B 22 -8.57 1.04 14.14
N THR B 23 -7.60 0.27 14.61
CA THR B 23 -6.56 0.82 15.48
C THR B 23 -5.14 0.58 14.95
N CYS B 24 -5.03 0.39 13.65
CA CYS B 24 -3.72 0.36 13.00
C CYS B 24 -3.35 1.75 12.57
N GLN B 25 -2.10 2.13 12.83
CA GLN B 25 -1.57 3.41 12.38
C GLN B 25 -1.53 3.46 10.85
N LEU B 26 -1.18 2.34 10.24
CA LEU B 26 -1.00 2.29 8.79
C LEU B 26 -2.07 1.40 8.15
N ARG B 27 -2.64 1.90 7.04
CA ARG B 27 -3.57 1.14 6.24
C ARG B 27 -2.81 0.08 5.45
N LEU B 28 -3.27 -1.16 5.51
CA LEU B 28 -2.63 -2.22 4.74
C LEU B 28 -2.59 -1.89 3.25
N GLU B 29 -3.71 -1.41 2.69
CA GLU B 29 -3.76 -1.02 1.26
C GLU B 29 -2.70 0.00 0.90
N ASP B 30 -2.45 0.96 1.79
CA ASP B 30 -1.42 1.98 1.59
C ASP B 30 -0.03 1.36 1.57
N LEU B 31 0.23 0.49 2.55
CA LEU B 31 1.50 -0.23 2.63
C LEU B 31 1.79 -1.04 1.37
N LEU B 32 0.77 -1.70 0.83
CA LEU B 32 0.94 -2.52 -0.37
C LEU B 32 1.22 -1.64 -1.59
N ARG B 33 0.53 -0.51 -1.69
CA ARG B 33 0.70 0.42 -2.81
C ARG B 33 2.06 1.09 -2.82
N GLN B 34 2.69 1.18 -1.66
CA GLN B 34 3.97 1.87 -1.51
C GLN B 34 5.19 0.95 -1.55
N ARG B 35 4.97 -0.32 -1.86
CA ARG B 35 6.04 -1.34 -1.88
C ARG B 35 7.29 -0.98 -2.68
N SER B 36 7.11 -0.21 -3.76
CA SER B 36 8.22 0.19 -4.62
C SER B 36 9.00 1.39 -4.08
N ASN B 37 8.43 2.09 -3.09
CA ASN B 37 9.09 3.26 -2.54
C ASN B 37 10.12 2.85 -1.49
N ILE B 38 11.37 2.69 -1.93
CA ILE B 38 12.45 2.15 -1.11
C ILE B 38 13.56 3.20 -0.94
N PHE B 39 14.08 3.33 0.28
CA PHE B 39 15.20 4.24 0.55
C PHE B 39 16.41 3.96 -0.35
N SER B 40 17.05 5.04 -0.81
CA SER B 40 18.24 4.95 -1.65
C SER B 40 19.48 4.84 -0.78
N ARG B 41 20.62 4.51 -1.40
CA ARG B 41 21.89 4.37 -0.67
C ARG B 41 22.23 5.65 0.08
N GLU B 42 22.06 6.80 -0.58
CA GLU B 42 22.28 8.10 0.07
C GLU B 42 21.38 8.27 1.30
N GLU B 43 20.09 7.94 1.16
CA GLU B 43 19.12 8.07 2.25
C GLU B 43 19.47 7.14 3.43
N VAL B 44 19.83 5.90 3.12
CA VAL B 44 20.28 4.94 4.14
C VAL B 44 21.50 5.47 4.88
N THR B 45 22.51 5.91 4.12
CA THR B 45 23.70 6.53 4.68
C THR B 45 23.33 7.71 5.58
N GLY B 46 22.36 8.51 5.14
CA GLY B 46 21.83 9.62 5.95
C GLY B 46 21.39 9.18 7.34
N TYR B 47 20.66 8.07 7.42
CA TYR B 47 20.20 7.54 8.70
C TYR B 47 21.37 6.99 9.52
N GLN B 48 22.29 6.31 8.85
CA GLN B 48 23.46 5.72 9.49
C GLN B 48 24.41 6.76 10.07
N ARG B 49 24.42 7.95 9.47
CA ARG B 49 25.30 9.06 9.89
C ARG B 49 24.75 9.85 11.07
N LYS B 50 23.49 9.60 11.42
CA LYS B 50 22.87 10.25 12.57
C LYS B 50 23.51 9.73 13.85
N SER B 51 23.56 10.57 14.86
CA SER B 51 24.06 10.17 16.17
C SER B 51 23.08 9.16 16.77
N MET B 52 23.55 8.42 17.76
CA MET B 52 22.71 7.45 18.46
C MET B 52 21.51 8.15 19.08
N TRP B 53 21.75 9.28 19.75
CA TRP B 53 20.67 10.07 20.28
C TRP B 53 19.67 10.49 19.19
N GLU B 54 20.17 10.98 18.05
CA GLU B 54 19.30 11.45 16.96
C GLU B 54 18.38 10.34 16.47
N MET B 55 18.96 9.18 16.20
CA MET B 55 18.17 8.04 15.70
C MET B 55 17.18 7.55 16.74
N TRP B 56 17.58 7.56 18.02
CA TRP B 56 16.68 7.18 19.09
C TRP B 56 15.53 8.17 19.30
N GLU B 57 15.81 9.47 19.18
CA GLU B 57 14.77 10.50 19.29
C GLU B 57 13.65 10.24 18.27
N ARG B 58 14.04 9.92 17.04
CA ARG B 58 13.07 9.62 15.97
C ARG B 58 12.34 8.32 16.27
N CYS B 59 13.10 7.27 16.55
CA CYS B 59 12.52 5.94 16.80
C CYS B 59 11.63 5.91 18.04
N ALA B 60 12.04 6.61 19.10
CA ALA B 60 11.27 6.74 20.33
C ALA B 60 9.92 7.37 20.07
N HIS B 61 9.92 8.40 19.23
CA HIS B 61 8.68 9.06 18.84
C HIS B 61 7.74 8.17 18.03
N HIS B 62 8.29 7.43 17.06
CA HIS B 62 7.46 6.51 16.28
C HIS B 62 6.91 5.38 17.13
N LEU B 63 7.73 4.88 18.05
CA LEU B 63 7.31 3.82 18.96
C LEU B 63 6.22 4.31 19.90
N THR B 64 6.36 5.55 20.39
CA THR B 64 5.33 6.17 21.22
C THR B 64 3.99 6.20 20.49
N GLU B 65 4.01 6.66 19.24
CA GLU B 65 2.80 6.65 18.41
C GLU B 65 2.22 5.24 18.24
N ALA B 66 3.07 4.28 17.90
CA ALA B 66 2.65 2.89 17.73
C ALA B 66 2.00 2.33 19.00
N ILE B 67 2.60 2.67 20.15
CA ILE B 67 2.10 2.20 21.44
C ILE B 67 0.74 2.84 21.74
N GLN B 68 0.57 4.11 21.35
CA GLN B 68 -0.70 4.81 21.54
C GLN B 68 -1.84 4.18 20.73
N TYR B 69 -1.52 3.64 19.55
CA TYR B 69 -2.51 2.87 18.81
C TYR B 69 -2.84 1.52 19.47
N VAL B 70 -1.83 0.85 20.03
CA VAL B 70 -2.06 -0.37 20.80
C VAL B 70 -2.94 -0.09 22.04
N VAL B 71 -2.76 1.06 22.66
CA VAL B 71 -3.63 1.46 23.77
C VAL B 71 -5.08 1.55 23.30
N GLU B 72 -5.30 2.18 22.14
CA GLU B 72 -6.63 2.28 21.53
C GLU B 72 -7.22 0.91 21.16
N PHE B 73 -6.36 0.00 20.70
CA PHE B 73 -6.76 -1.41 20.49
C PHE B 73 -7.22 -2.04 21.81
N ALA B 74 -6.41 -1.86 22.86
CA ALA B 74 -6.71 -2.47 24.17
C ALA B 74 -8.08 -2.02 24.69
N LYS B 75 -8.38 -0.74 24.51
CA LYS B 75 -9.62 -0.13 25.01
C LYS B 75 -10.87 -0.65 24.29
N ARG B 76 -10.69 -1.20 23.09
CA ARG B 76 -11.81 -1.77 22.34
C ARG B 76 -12.01 -3.26 22.59
N LEU B 77 -11.10 -3.89 23.33
CA LEU B 77 -11.28 -5.29 23.72
C LEU B 77 -12.26 -5.38 24.87
N SER B 78 -13.24 -6.28 24.72
CA SER B 78 -14.30 -6.45 25.73
C SER B 78 -13.70 -6.82 27.08
N GLY B 79 -14.07 -6.06 28.11
CA GLY B 79 -13.59 -6.34 29.46
C GLY B 79 -12.38 -5.54 29.89
N PHE B 80 -11.60 -5.06 28.91
CA PHE B 80 -10.39 -4.30 29.24
C PHE B 80 -10.70 -3.03 30.05
N MET B 81 -11.70 -2.27 29.59
CA MET B 81 -12.12 -1.03 30.26
C MET B 81 -12.68 -1.32 31.66
N GLU B 82 -13.07 -2.57 31.90
CA GLU B 82 -13.64 -2.98 33.18
C GLU B 82 -12.56 -3.22 34.23
N LEU B 83 -11.35 -3.51 33.77
CA LEU B 83 -10.23 -3.78 34.69
C LEU B 83 -9.85 -2.51 35.43
N CYS B 84 -9.33 -2.68 36.63
CA CYS B 84 -8.85 -1.54 37.40
C CYS B 84 -7.68 -0.89 36.67
N GLN B 85 -7.56 0.42 36.82
CA GLN B 85 -6.50 1.19 36.18
C GLN B 85 -5.13 0.52 36.32
N ASN B 86 -4.83 0.02 37.52
CA ASN B 86 -3.57 -0.68 37.77
C ASN B 86 -3.34 -1.86 36.82
N ASP B 87 -4.39 -2.64 36.61
CA ASP B 87 -4.33 -3.83 35.75
C ASP B 87 -4.20 -3.49 34.27
N GLN B 88 -4.98 -2.50 33.84
CA GLN B 88 -4.88 -1.97 32.48
C GLN B 88 -3.45 -1.56 32.17
N ILE B 89 -2.87 -0.78 33.08
CA ILE B 89 -1.50 -0.29 32.95
C ILE B 89 -0.46 -1.40 33.03
N VAL B 90 -0.65 -2.35 33.96
CA VAL B 90 0.26 -3.49 34.06
C VAL B 90 0.29 -4.26 32.74
N LEU B 91 -0.89 -4.49 32.17
CA LEU B 91 -1.03 -5.26 30.94
C LEU B 91 -0.40 -4.52 29.76
N LEU B 92 -0.66 -3.22 29.69
CA LEU B 92 -0.08 -2.39 28.63
C LEU B 92 1.45 -2.25 28.75
N LYS B 93 1.94 -2.01 29.97
CA LYS B 93 3.39 -1.97 30.21
C LYS B 93 4.11 -3.25 29.81
N ALA B 94 3.50 -4.39 30.13
CA ALA B 94 4.08 -5.69 29.83
C ALA B 94 3.89 -6.11 28.37
N GLY B 95 2.83 -5.62 27.74
CA GLY B 95 2.40 -6.18 26.47
C GLY B 95 2.43 -5.29 25.22
N ALA B 96 2.42 -3.97 25.40
CA ALA B 96 2.28 -3.03 24.28
C ALA B 96 3.39 -3.14 23.23
N MET B 97 4.65 -3.17 23.68
CA MET B 97 5.77 -3.32 22.75
C MET B 97 5.73 -4.67 22.05
N GLU B 98 5.38 -5.73 22.79
CA GLU B 98 5.22 -7.05 22.20
C GLU B 98 4.20 -7.03 21.05
N VAL B 99 3.07 -6.36 21.25
CA VAL B 99 2.04 -6.18 20.21
C VAL B 99 2.59 -5.42 19.01
N VAL B 100 3.35 -4.35 19.26
CA VAL B 100 3.97 -3.58 18.17
C VAL B 100 4.85 -4.50 17.30
N LEU B 101 5.63 -5.36 17.94
CA LEU B 101 6.53 -6.28 17.23
C LEU B 101 5.79 -7.30 16.37
N VAL B 102 4.61 -7.74 16.81
CA VAL B 102 3.77 -8.62 16.01
C VAL B 102 3.17 -7.83 14.84
N ARG B 103 2.64 -6.64 15.14
CA ARG B 103 2.04 -5.74 14.15
C ARG B 103 3.00 -5.34 13.04
N MET B 104 4.29 -5.30 13.37
CA MET B 104 5.34 -4.97 12.39
C MET B 104 5.25 -5.78 11.09
N CYS B 105 4.82 -7.04 11.17
CA CYS B 105 4.77 -7.88 9.97
C CYS B 105 3.85 -7.29 8.88
N ARG B 106 2.86 -6.50 9.28
CA ARG B 106 1.99 -5.76 8.34
C ARG B 106 2.79 -4.79 7.46
N ALA B 107 3.78 -4.16 8.07
CA ALA B 107 4.59 -3.12 7.44
C ALA B 107 5.89 -3.68 6.88
N TYR B 108 5.97 -5.00 6.77
CA TYR B 108 7.20 -5.66 6.41
C TYR B 108 7.06 -6.35 5.05
N ASN B 109 8.08 -6.22 4.21
CA ASN B 109 8.08 -6.88 2.90
C ASN B 109 9.14 -7.97 2.85
N ALA B 110 8.67 -9.21 2.85
CA ALA B 110 9.54 -10.40 2.85
C ALA B 110 10.43 -10.53 1.61
N ASP B 111 9.97 -10.02 0.48
CA ASP B 111 10.69 -10.11 -0.80
C ASP B 111 12.07 -9.46 -0.76
N ASN B 112 12.18 -8.31 -0.09
CA ASN B 112 13.43 -7.60 0.02
C ASN B 112 13.85 -7.29 1.46
N ARG B 113 13.11 -7.86 2.42
CA ARG B 113 13.41 -7.74 3.85
C ARG B 113 13.43 -6.30 4.37
N THR B 114 12.43 -5.52 4.00
CA THR B 114 12.37 -4.11 4.38
C THR B 114 11.15 -3.81 5.26
N VAL B 115 11.25 -2.74 6.04
CA VAL B 115 10.12 -2.32 6.85
C VAL B 115 9.74 -0.90 6.43
N PHE B 116 8.45 -0.58 6.51
CA PHE B 116 8.00 0.77 6.22
C PHE B 116 8.33 1.68 7.39
N PHE B 117 9.24 2.61 7.17
CA PHE B 117 9.74 3.51 8.19
C PHE B 117 9.88 4.91 7.61
N GLU B 118 9.24 5.87 8.27
CA GLU B 118 9.28 7.29 7.85
C GLU B 118 9.03 7.49 6.35
N GLY B 119 7.98 6.85 5.83
CA GLY B 119 7.50 7.12 4.47
C GLY B 119 8.02 6.23 3.36
N LYS B 120 9.06 5.43 3.65
CA LYS B 120 9.61 4.51 2.65
C LYS B 120 10.00 3.18 3.28
N TYR B 121 10.27 2.19 2.42
CA TYR B 121 10.76 0.88 2.87
C TYR B 121 12.28 0.88 2.99
N GLY B 122 12.77 0.26 4.06
CA GLY B 122 14.20 0.18 4.29
C GLY B 122 14.55 -1.07 5.08
N GLY B 123 15.77 -1.56 4.88
CA GLY B 123 16.22 -2.76 5.59
C GLY B 123 16.67 -2.47 7.01
N MET B 124 17.17 -3.49 7.68
CA MET B 124 17.64 -3.33 9.06
C MET B 124 18.86 -2.41 9.18
N GLU B 125 19.61 -2.24 8.10
CA GLU B 125 20.79 -1.37 8.12
C GLU B 125 20.44 0.10 8.34
N LEU B 126 19.17 0.45 8.15
CA LEU B 126 18.66 1.79 8.47
C LEU B 126 18.96 2.20 9.90
N PHE B 127 18.97 1.20 10.79
CA PHE B 127 18.98 1.43 12.23
C PHE B 127 20.35 1.25 12.86
N ARG B 128 21.37 1.26 12.03
CA ARG B 128 22.74 1.00 12.48
C ARG B 128 23.26 1.96 13.56
N ALA B 129 22.83 3.22 13.52
CA ALA B 129 23.24 4.21 14.54
C ALA B 129 22.79 3.86 15.95
N LEU B 130 21.73 3.06 16.07
CA LEU B 130 21.22 2.64 17.37
C LEU B 130 22.13 1.68 18.14
N GLY B 131 23.03 1.02 17.42
CA GLY B 131 23.79 -0.10 17.98
C GLY B 131 22.88 -1.30 18.02
N CYS B 132 23.11 -2.21 18.97
CA CYS B 132 22.27 -3.40 19.12
C CYS B 132 21.88 -4.04 17.78
N SER B 133 22.86 -4.38 16.96
CA SER B 133 22.57 -4.99 15.67
C SER B 133 21.97 -6.39 15.82
N GLU B 134 22.34 -7.10 16.89
CA GLU B 134 21.80 -8.43 17.15
C GLU B 134 20.30 -8.37 17.38
N LEU B 135 19.88 -7.41 18.20
CA LEU B 135 18.46 -7.25 18.55
C LEU B 135 17.64 -6.89 17.31
N ILE B 136 18.11 -5.90 16.55
CA ILE B 136 17.38 -5.45 15.36
C ILE B 136 17.30 -6.57 14.31
N SER B 137 18.43 -7.26 14.07
CA SER B 137 18.41 -8.46 13.23
C SER B 137 17.39 -9.50 13.69
N SER B 138 17.32 -9.73 15.01
CA SER B 138 16.35 -10.71 15.58
C SER B 138 14.89 -10.28 15.36
N ILE B 139 14.67 -8.96 15.40
CA ILE B 139 13.33 -8.41 15.19
C ILE B 139 12.90 -8.59 13.73
N PHE B 140 13.83 -8.31 12.80
CA PHE B 140 13.59 -8.53 11.37
C PHE B 140 13.36 -10.01 11.07
N ASP B 141 14.13 -10.90 11.70
CA ASP B 141 13.93 -12.34 11.57
C ASP B 141 12.53 -12.74 12.01
N PHE B 142 12.11 -12.17 13.14
CA PHE B 142 10.78 -12.45 13.68
C PHE B 142 9.68 -12.05 12.71
N SER B 143 9.69 -10.80 12.24
CA SER B 143 8.76 -10.34 11.19
C SER B 143 8.78 -11.23 9.94
N HIS B 144 9.96 -11.64 9.51
CA HIS B 144 10.08 -12.52 8.35
C HIS B 144 9.33 -13.84 8.56
N SER B 145 9.48 -14.43 9.75
CA SER B 145 8.81 -15.69 10.08
CA SER B 145 8.81 -15.69 10.10
C SER B 145 7.29 -15.55 10.02
N LEU B 146 6.77 -14.45 10.55
CA LEU B 146 5.34 -14.17 10.50
C LEU B 146 4.83 -13.90 9.09
N SER B 147 5.57 -13.12 8.30
CA SER B 147 5.17 -12.88 6.90
C SER B 147 5.14 -14.17 6.09
N ALA B 148 6.02 -15.11 6.42
CA ALA B 148 6.14 -16.38 5.70
C ALA B 148 4.90 -17.27 5.85
N LEU B 149 4.24 -17.16 7.00
CA LEU B 149 3.02 -17.94 7.25
C LEU B 149 1.76 -17.19 6.81
N HIS B 150 1.96 -16.02 6.20
CA HIS B 150 0.87 -15.18 5.68
C HIS B 150 -0.19 -14.86 6.74
N PHE B 151 0.32 -14.43 7.89
CA PHE B 151 -0.48 -14.01 9.03
C PHE B 151 -1.55 -13.03 8.59
N SER B 152 -2.80 -13.49 8.63
CA SER B 152 -3.96 -12.73 8.15
C SER B 152 -4.37 -11.63 9.14
N GLU B 153 -5.30 -10.78 8.70
CA GLU B 153 -5.86 -9.70 9.54
C GLU B 153 -6.47 -10.25 10.82
N ASP B 154 -7.40 -11.18 10.65
CA ASP B 154 -8.10 -11.83 11.75
C ASP B 154 -7.15 -12.53 12.72
N GLU B 155 -6.17 -13.22 12.17
CA GLU B 155 -5.18 -13.94 12.96
C GLU B 155 -4.32 -13.00 13.79
N ILE B 156 -3.86 -11.89 13.20
CA ILE B 156 -3.09 -10.90 13.95
C ILE B 156 -3.94 -10.23 15.02
N ALA B 157 -5.19 -9.92 14.68
CA ALA B 157 -6.12 -9.34 15.64
C ALA B 157 -6.24 -10.23 16.88
N LEU B 158 -6.51 -11.50 16.66
CA LEU B 158 -6.73 -12.46 17.74
C LEU B 158 -5.47 -12.74 18.53
N TYR B 159 -4.36 -12.94 17.82
CA TYR B 159 -3.09 -13.22 18.46
C TYR B 159 -2.63 -12.04 19.33
N THR B 160 -2.75 -10.81 18.82
CA THR B 160 -2.30 -9.63 19.58
C THR B 160 -3.17 -9.35 20.80
N ALA B 161 -4.47 -9.65 20.71
CA ALA B 161 -5.36 -9.60 21.87
C ALA B 161 -4.85 -10.52 22.98
N LEU B 162 -4.45 -11.73 22.60
CA LEU B 162 -3.91 -12.70 23.54
C LEU B 162 -2.55 -12.28 24.13
N VAL B 163 -1.74 -11.59 23.33
CA VAL B 163 -0.45 -11.10 23.83
C VAL B 163 -0.71 -10.11 24.97
N LEU B 164 -1.72 -9.26 24.79
CA LEU B 164 -2.07 -8.25 25.78
C LEU B 164 -2.78 -8.83 27.01
N ILE B 165 -3.78 -9.68 26.78
CA ILE B 165 -4.63 -10.19 27.86
C ILE B 165 -4.05 -11.49 28.42
N ASN B 166 -3.08 -11.32 29.32
CA ASN B 166 -2.26 -12.38 29.88
C ASN B 166 -2.32 -12.29 31.41
N ALA B 167 -3.03 -13.25 32.01
CA ALA B 167 -3.26 -13.26 33.47
C ALA B 167 -2.02 -13.54 34.32
N HIS B 168 -0.92 -13.94 33.67
CA HIS B 168 0.33 -14.26 34.37
C HIS B 168 1.27 -13.06 34.56
N ARG B 169 0.89 -11.89 34.07
CA ARG B 169 1.72 -10.69 34.24
C ARG B 169 1.83 -10.32 35.72
N PRO B 170 3.08 -10.21 36.24
CA PRO B 170 3.32 -9.84 37.63
C PRO B 170 2.75 -8.46 37.99
N GLY B 171 2.12 -8.37 39.16
CA GLY B 171 1.57 -7.11 39.63
C GLY B 171 0.09 -6.94 39.37
N LEU B 172 -0.54 -7.92 38.74
CA LEU B 172 -1.99 -7.88 38.53
C LEU B 172 -2.71 -8.03 39.86
N GLN B 173 -3.87 -7.41 39.97
CA GLN B 173 -4.66 -7.46 41.19
C GLN B 173 -5.92 -8.31 41.01
N GLU B 174 -6.61 -8.13 39.89
CA GLU B 174 -7.79 -8.93 39.57
C GLU B 174 -7.42 -10.08 38.65
N LYS B 175 -6.45 -10.90 39.07
CA LYS B 175 -5.96 -12.02 38.26
C LYS B 175 -7.08 -12.91 37.73
N ARG B 176 -8.07 -13.19 38.58
CA ARG B 176 -9.26 -13.98 38.21
C ARG B 176 -10.06 -13.37 37.06
N LYS B 177 -10.23 -12.06 37.10
CA LYS B 177 -10.96 -11.34 36.05
C LYS B 177 -10.21 -11.38 34.70
N VAL B 178 -8.90 -11.20 34.74
CA VAL B 178 -8.07 -11.29 33.54
C VAL B 178 -8.06 -12.73 33.00
N GLU B 179 -7.99 -13.70 33.91
CA GLU B 179 -8.06 -15.12 33.55
C GLU B 179 -9.26 -15.43 32.67
N GLN B 180 -10.40 -14.83 33.01
CA GLN B 180 -11.66 -15.12 32.31
C GLN B 180 -11.72 -14.48 30.93
N LEU B 181 -11.17 -13.27 30.81
CA LEU B 181 -11.06 -12.61 29.51
C LEU B 181 -10.10 -13.38 28.62
N GLN B 182 -8.98 -13.80 29.19
CA GLN B 182 -7.99 -14.62 28.48
C GLN B 182 -8.60 -15.94 28.00
N TYR B 183 -9.36 -16.60 28.88
CA TYR B 183 -10.02 -17.87 28.54
C TYR B 183 -10.87 -17.74 27.28
N ASN B 184 -11.71 -16.70 27.22
CA ASN B 184 -12.59 -16.49 26.09
C ASN B 184 -11.87 -16.16 24.79
N LEU B 185 -10.78 -15.40 24.92
CA LEU B 185 -9.97 -15.02 23.76
C LEU B 185 -9.17 -16.22 23.23
N GLU B 186 -8.64 -17.03 24.15
CA GLU B 186 -7.96 -18.28 23.80
C GLU B 186 -8.90 -19.20 23.06
N LEU B 187 -10.13 -19.31 23.58
CA LEU B 187 -11.17 -20.11 22.96
C LEU B 187 -11.52 -19.57 21.55
N ALA B 188 -11.67 -18.25 21.45
CA ALA B 188 -11.97 -17.60 20.18
C ALA B 188 -10.88 -17.84 19.12
N PHE B 189 -9.62 -17.69 19.53
CA PHE B 189 -8.47 -17.84 18.64
C PHE B 189 -8.42 -19.28 18.09
N HIS B 190 -8.40 -20.26 18.98
CA HIS B 190 -8.34 -21.66 18.57
C HIS B 190 -9.57 -22.15 17.84
N HIS B 191 -10.74 -21.66 18.26
CA HIS B 191 -11.96 -21.97 17.53
C HIS B 191 -11.86 -21.47 16.08
N HIS B 192 -11.35 -20.26 15.89
CA HIS B 192 -11.25 -19.67 14.56
C HIS B 192 -10.20 -20.35 13.68
N LEU B 193 -9.07 -20.73 14.28
CA LEU B 193 -8.03 -21.47 13.57
C LEU B 193 -8.53 -22.83 13.07
N SER B 194 -9.28 -23.51 13.92
CA SER B 194 -9.88 -24.79 13.56
C SER B 194 -10.91 -24.62 12.43
N LYS B 195 -11.75 -23.59 12.56
CA LYS B 195 -12.80 -23.29 11.59
C LYS B 195 -12.23 -22.97 10.21
N THR B 196 -11.10 -22.26 10.17
CA THR B 196 -10.49 -21.77 8.92
C THR B 196 -9.34 -22.66 8.40
N HIS B 197 -9.13 -23.81 9.04
CA HIS B 197 -8.10 -24.77 8.63
C HIS B 197 -6.72 -24.13 8.71
N ARG B 198 -6.49 -23.35 9.75
CA ARG B 198 -5.27 -22.57 9.87
C ARG B 198 -4.46 -22.90 11.13
N GLN B 199 -4.64 -24.11 11.64
CA GLN B 199 -3.90 -24.59 12.81
C GLN B 199 -2.39 -24.72 12.53
N SER B 200 -2.01 -24.79 11.25
CA SER B 200 -0.61 -24.90 10.83
C SER B 200 0.24 -23.70 11.24
N ILE B 201 -0.40 -22.58 11.55
CA ILE B 201 0.30 -21.36 11.97
C ILE B 201 0.87 -21.43 13.40
N LEU B 202 0.30 -22.31 14.22
CA LEU B 202 0.62 -22.37 15.64
C LEU B 202 2.09 -22.69 15.95
N ALA B 203 2.66 -23.63 15.20
CA ALA B 203 4.05 -24.07 15.40
C ALA B 203 5.06 -22.97 15.10
N LYS B 204 4.68 -22.06 14.20
CA LYS B 204 5.56 -20.97 13.79
C LYS B 204 5.52 -19.78 14.74
N LEU B 205 4.43 -19.66 15.51
CA LEU B 205 4.28 -18.58 16.50
C LEU B 205 5.38 -18.65 17.56
N PRO B 206 5.83 -17.48 18.06
CA PRO B 206 6.98 -17.44 18.97
C PRO B 206 6.75 -18.25 20.26
N PRO B 207 7.78 -18.99 20.71
CA PRO B 207 7.71 -19.70 21.99
C PRO B 207 7.65 -18.70 23.15
N LYS B 208 7.25 -19.17 24.33
CA LYS B 208 7.21 -18.32 25.53
C LYS B 208 8.55 -17.62 25.73
N GLY B 209 8.50 -16.31 25.97
CA GLY B 209 9.71 -15.53 26.22
C GLY B 209 10.38 -14.92 24.99
N LYS B 210 10.07 -15.45 23.81
CA LYS B 210 10.66 -14.94 22.56
C LYS B 210 10.28 -13.49 22.28
N LEU B 211 9.01 -13.14 22.45
CA LEU B 211 8.56 -11.76 22.29
C LEU B 211 9.26 -10.80 23.24
N ARG B 212 9.30 -11.16 24.53
CA ARG B 212 9.96 -10.35 25.55
C ARG B 212 11.45 -10.11 25.25
N SER B 213 12.13 -11.15 24.75
CA SER B 213 13.54 -11.06 24.38
C SER B 213 13.81 -10.07 23.22
N LEU B 214 12.74 -9.68 22.53
CA LEU B 214 12.83 -8.72 21.43
C LEU B 214 12.58 -7.28 21.86
N CYS B 215 12.27 -7.08 23.14
CA CYS B 215 11.99 -5.76 23.69
C CYS B 215 13.23 -5.14 24.32
N SER B 216 13.70 -4.05 23.73
CA SER B 216 14.84 -3.30 24.28
C SER B 216 14.52 -2.78 25.69
N GLN B 217 15.54 -2.82 26.54
CA GLN B 217 15.47 -2.22 27.88
C GLN B 217 15.09 -0.73 27.83
N HIS B 218 15.52 -0.06 26.76
CA HIS B 218 15.26 1.37 26.56
C HIS B 218 13.79 1.67 26.28
N VAL B 219 13.06 0.69 25.78
CA VAL B 219 11.64 0.88 25.45
C VAL B 219 10.79 1.01 26.72
N GLU B 220 11.06 0.15 27.70
CA GLU B 220 10.35 0.20 28.97
C GLU B 220 10.53 1.54 29.67
N ARG B 221 11.63 2.23 29.37
CA ARG B 221 11.94 3.53 29.98
C ARG B 221 11.28 4.73 29.29
N LEU B 222 10.62 4.50 28.16
CA LEU B 222 9.89 5.57 27.46
C LEU B 222 8.78 6.14 28.33
N GLN B 223 8.61 7.46 28.25
CA GLN B 223 7.68 8.17 29.11
C GLN B 223 6.22 7.83 28.84
N ILE B 224 5.96 7.27 27.66
CA ILE B 224 4.59 6.84 27.29
C ILE B 224 3.95 5.95 28.36
N PHE B 225 4.75 5.10 29.00
CA PHE B 225 4.23 4.13 29.96
C PHE B 225 3.75 4.76 31.27
N GLN B 226 4.19 6.00 31.53
CA GLN B 226 3.70 6.80 32.64
C GLN B 226 2.56 7.74 32.21
N HIS B 227 2.17 7.67 30.94
CA HIS B 227 1.15 8.59 30.41
C HIS B 227 0.20 7.90 29.45
N LEU B 228 -0.20 6.68 29.80
CA LEU B 228 -1.07 5.87 28.95
C LEU B 228 -2.51 6.34 29.06
O2 99N C . 0.09 9.97 -12.76
O3 99N C . 1.13 11.97 -13.77
C41 99N C . -9.82 13.69 -13.98
C42 99N C . -5.56 14.99 -15.46
C43 99N C . -4.26 14.74 -14.76
C44 99N C . -3.99 13.69 -13.95
C45 99N C . -2.61 13.58 -13.31
C46 99N C . -5.54 12.75 -12.18
C11 99N C . -8.01 14.12 -15.85
C12 99N C . -9.21 13.25 -15.36
C13 99N C . -10.24 13.52 -16.53
C14 99N C . -10.00 15.04 -16.86
C15 99N C . -8.65 15.48 -16.23
C16 99N C . -11.77 13.13 -16.42
C17 99N C . -12.54 13.40 -17.76
C18 99N C . -11.95 12.65 -19.00
C19 99N C . -12.91 12.36 -20.12
C22 99N C . -15.20 12.35 -20.99
C23 99N C . -15.49 13.67 -21.73
C24 99N C . -14.48 14.29 -22.48
C25 99N C . -14.73 15.50 -23.15
C26 99N C . -16.00 16.10 -23.08
C27 99N C . -17.01 15.48 -22.32
C28 99N C . -16.76 14.27 -21.65
C30 99N C . -17.49 17.60 -24.44
S1 99N C . 0.40 11.39 -12.65
O4 99N C . -0.87 12.18 -12.39
C5 99N C . -1.97 12.15 -13.33
C6 99N C . -3.00 11.05 -12.99
C7 99N C . -4.31 11.21 -13.83
C8 99N C . -5.03 12.59 -13.66
C9 99N C . -6.23 12.66 -14.69
C10 99N C . -6.75 14.12 -14.92
O20 99N C . -12.46 11.91 -21.16
N21 99N C . -14.23 12.61 -19.93
O29 99N C . -16.28 17.31 -23.73
C31 99N C . -17.49 19.12 -24.72
N32 99N C . -17.23 19.51 -26.13
C33 99N C . -16.09 18.82 -26.79
C34 99N C . -16.01 19.24 -28.29
O35 99N C . -15.92 20.67 -28.38
C36 99N C . -17.04 21.36 -27.80
C37 99N C . -17.19 20.98 -26.30
C38 99N C . -12.06 11.66 -15.97
C39 99N C . -8.66 11.80 -15.29
C40 99N C . -7.40 11.65 -14.37
O47 99N C . 1.23 11.57 -11.41
O2 99N D . 0.54 -1.91 12.69
O3 99N D . 0.05 0.28 13.70
C41 99N D . 10.86 0.01 12.96
C42 99N D . 7.12 2.23 14.57
C43 99N D . 5.74 2.17 13.96
C44 99N D . 5.24 1.13 13.26
C45 99N D . 3.82 1.22 12.71
C46 99N D . 6.51 -0.17 11.50
C11 99N D . 9.36 0.96 14.92
C12 99N D . 10.35 -0.17 14.43
C13 99N D . 11.51 0.01 15.48
C14 99N D . 11.57 1.56 15.70
C15 99N D . 10.25 2.20 15.17
C16 99N D . 12.94 -0.66 15.29
C17 99N D . 13.92 -0.37 16.49
C18 99N D . 13.46 -0.88 17.89
C19 99N D . 14.55 -1.27 18.88
C22 99N D . 16.92 -1.34 19.55
C23 99N D . 17.39 -0.09 20.33
C24 99N D . 16.47 0.70 21.05
C25 99N D . 16.91 1.83 21.75
C26 99N D . 18.26 2.20 21.76
C27 99N D . 19.18 1.41 21.04
C28 99N D . 18.75 0.27 20.33
C30 99N D . 19.98 3.98 22.20
S1 99N D . 0.48 -0.48 12.53
O4 99N D . 1.81 0.08 12.08
C5 99N D . 2.97 -0.06 12.93
C6 99N D . 3.75 -1.34 12.59
C7 99N D . 5.12 -1.36 13.31
C8 99N D . 6.05 -0.15 13.00
C9 99N D . 7.28 -0.24 13.98
C10 99N D . 8.08 1.11 14.05
O20 99N D . 14.22 -1.84 19.91
N21 99N D . 15.85 -0.97 18.61
O29 99N D . 18.71 3.32 22.45
C31 99N D . 19.91 5.42 22.75
N32 99N D . 20.21 5.48 24.20
C33 99N D . 19.10 6.01 25.04
C34 99N D . 19.47 6.00 26.54
O35 99N D . 20.73 6.68 26.75
C36 99N D . 21.83 6.09 26.01
C37 99N D . 21.52 6.14 24.49
C38 99N D . 12.92 -2.19 15.04
C39 99N D . 9.52 -1.50 14.58
C40 99N D . 8.21 -1.50 13.77
O47 99N D . -0.44 -0.18 11.40
#